data_7Q27
#
_entry.id   7Q27
#
_cell.length_a   56.454
_cell.length_b   85.586
_cell.length_c   134.052
_cell.angle_alpha   90.000
_cell.angle_beta   90.000
_cell.angle_gamma   90.000
#
_symmetry.space_group_name_H-M   'P 21 21 21'
#
loop_
_entity.id
_entity.type
_entity.pdbx_description
1 polymer 'Angiotensin-converting enzyme'
2 branched beta-D-mannopyranose-(1-4)-2-acetamido-2-deoxy-beta-D-glucopyranose-(1-4)-[alpha-L-fucopyranose-(1-6)]2-acetamido-2-deoxy-beta-D-glucopyranose
3 non-polymer 2-acetamido-2-deoxy-beta-D-glucopyranose
4 non-polymer 1,2-ETHANEDIOL
5 non-polymer 'ACETATE ION'
6 non-polymer 'ZINC ION'
7 non-polymer '(2~{S})-2-[[(2~{S})-1-[[(2~{S})-3-(1~{H}-indol-3-yl)-1-oxidanyl-1-oxidanylidene-propan-2-yl]amino]-1-oxidanylidene-hexan-2-yl]amino]-4-phenyl-butanoic acid'
8 non-polymer 'CHLORIDE ION'
9 non-polymer 'BORIC ACID'
10 non-polymer 'PENTAETHYLENE GLYCOL'
11 non-polymer IMIDAZOLE
12 water water
#
_entity_poly.entity_id   1
_entity_poly.type   'polypeptide(L)'
_entity_poly.pdbx_seq_one_letter_code
;LVTDEAEASKFVEEYDRTSQVVWNEYAGANWNYNTNITTETSKILLQKNMQIAQHTLKYGTQARKFDVNQLQNTTIKRII
KKVQDLERAALPAQELEEYNKILLDMETTYSVATVCHPQGSCLQLEPDLTNVMATSRKYEDLLWAWEGWRDKAGRAILQF
YPKYVELINQAARLNGYVDAGDSWRSMYETPSLEQDLERLFQELQPLYLNLHAYVRRALHRHYGAQHINLEGPIPAHLLG
NMWAQTWSNIYDLVVPFPSAPSMDTTEAMLKQGWTPRRMFKEADDFFTSLGLLPVPPEFWQKSMLEKPTDGREVVCHASA
WDFYNGKDFRIKQCTTVNLEDLVVAHHEMGHIQYFMQYKDLPVALREGANPGFHEAIGDVLALSVSTPKHLHSLNLLSSE
GGSDEHDINFLMKMALDKIAFIPFSYLVDQWRWRVFDGSITKENYNQEWWSLRLKYQGLCPPVPRTQGDFDPGAKFHIPS
SVPYIRYFVSFIIQFQFHEALCQAAGHTGPLHKCDIYQSKEAGQRLATAMKLGFSRPWPEAMQLITGQPQMSASAMLSYF
KPLLDWLRTENELHGEKLGWPQYNWTPNSARSEGPLP
;
_entity_poly.pdbx_strand_id   A
#
# COMPACT_ATOMS: atom_id res chain seq x y z
N ASP A 4 -17.26 38.33 -9.77
CA ASP A 4 -17.04 37.54 -8.55
C ASP A 4 -16.77 36.07 -8.94
N GLU A 5 -17.81 35.46 -9.51
CA GLU A 5 -17.67 34.13 -10.10
C GLU A 5 -16.61 34.14 -11.19
N ALA A 6 -16.50 35.25 -11.92
CA ALA A 6 -15.56 35.31 -13.03
C ALA A 6 -14.10 35.36 -12.54
N GLU A 7 -13.84 36.11 -11.47
CA GLU A 7 -12.49 36.15 -10.93
C GLU A 7 -12.07 34.79 -10.38
N ALA A 8 -13.03 34.03 -9.84
CA ALA A 8 -12.69 32.71 -9.29
C ALA A 8 -12.39 31.70 -10.40
N SER A 9 -13.16 31.77 -11.49
CA SER A 9 -12.91 30.92 -12.65
C SER A 9 -11.54 31.21 -13.25
N LYS A 10 -11.24 32.49 -13.44
CA LYS A 10 -9.93 32.88 -13.96
C LYS A 10 -8.81 32.38 -13.07
N PHE A 11 -9.01 32.46 -11.75
CA PHE A 11 -7.98 32.02 -10.82
C PHE A 11 -7.69 30.53 -11.00
N VAL A 12 -8.73 29.70 -11.11
N VAL A 12 -8.74 29.71 -11.08
CA VAL A 12 -8.46 28.27 -11.21
CA VAL A 12 -8.55 28.27 -11.25
C VAL A 12 -7.83 27.93 -12.56
C VAL A 12 -7.82 27.97 -12.55
N GLU A 13 -8.14 28.70 -13.62
CA GLU A 13 -7.48 28.47 -14.91
C GLU A 13 -5.99 28.78 -14.84
N GLU A 14 -5.66 29.89 -14.18
CA GLU A 14 -4.25 30.27 -14.02
C GLU A 14 -3.52 29.28 -13.12
N TYR A 15 -4.15 28.87 -12.01
CA TYR A 15 -3.55 27.86 -11.15
C TYR A 15 -3.27 26.58 -11.91
N ASP A 16 -4.21 26.19 -12.78
N ASP A 16 -4.23 26.16 -12.74
CA ASP A 16 -4.05 24.90 -13.45
CA ASP A 16 -4.06 24.89 -13.46
C ASP A 16 -2.90 24.95 -14.43
C ASP A 16 -2.85 24.97 -14.39
N ARG A 17 -2.78 26.06 -15.16
CA ARG A 17 -1.70 26.23 -16.14
C ARG A 17 -0.33 26.20 -15.50
N THR A 18 -0.16 27.03 -14.48
CA THR A 18 1.13 27.17 -13.82
C THR A 18 1.49 25.93 -13.02
N SER A 19 0.50 25.25 -12.41
CA SER A 19 0.77 24.05 -11.64
C SER A 19 1.33 22.93 -12.52
N GLN A 20 0.80 22.78 -13.74
N GLN A 20 0.78 22.77 -13.73
CA GLN A 20 1.32 21.74 -14.62
CA GLN A 20 1.30 21.77 -14.67
C GLN A 20 2.81 21.92 -14.87
C GLN A 20 2.80 21.93 -14.82
N VAL A 21 3.25 23.16 -15.08
CA VAL A 21 4.66 23.41 -15.39
C VAL A 21 5.53 23.11 -14.18
N VAL A 22 5.18 23.67 -13.03
CA VAL A 22 6.03 23.55 -11.84
CA VAL A 22 6.06 23.55 -11.89
C VAL A 22 6.05 22.13 -11.33
N TRP A 23 4.88 21.47 -11.31
CA TRP A 23 4.85 20.10 -10.81
C TRP A 23 5.57 19.15 -11.75
N ASN A 24 5.53 19.40 -13.06
CA ASN A 24 6.30 18.56 -13.95
C ASN A 24 7.80 18.68 -13.69
N GLU A 25 8.27 19.89 -13.38
CA GLU A 25 9.70 20.06 -13.08
C GLU A 25 10.05 19.39 -11.77
N TYR A 26 9.17 19.47 -10.79
CA TYR A 26 9.43 18.83 -9.51
C TYR A 26 9.48 17.33 -9.68
N ALA A 27 8.47 16.77 -10.36
CA ALA A 27 8.43 15.33 -10.56
C ALA A 27 9.70 14.83 -11.24
N GLY A 28 10.22 15.58 -12.23
CA GLY A 28 11.47 15.21 -12.87
C GLY A 28 12.65 15.15 -11.91
N ALA A 29 12.79 16.16 -11.06
CA ALA A 29 13.89 16.15 -10.09
C ALA A 29 13.71 15.04 -9.08
N ASN A 30 12.48 14.82 -8.63
CA ASN A 30 12.20 13.77 -7.68
C ASN A 30 12.51 12.39 -8.27
N TRP A 31 12.12 12.17 -9.54
CA TRP A 31 12.45 10.93 -10.23
C TRP A 31 13.96 10.74 -10.35
N ASN A 32 14.65 11.81 -10.73
CA ASN A 32 16.09 11.72 -10.94
C ASN A 32 16.81 11.35 -9.65
N TYR A 33 16.34 11.86 -8.50
CA TYR A 33 16.92 11.44 -7.22
C TYR A 33 16.56 9.99 -6.92
N ASN A 34 15.28 9.63 -7.06
CA ASN A 34 14.82 8.30 -6.70
C ASN A 34 15.50 7.21 -7.53
N THR A 35 15.90 7.55 -8.76
CA THR A 35 16.55 6.58 -9.63
C THR A 35 18.05 6.78 -9.72
N ASN A 36 18.62 7.65 -8.88
CA ASN A 36 20.05 7.93 -8.94
C ASN A 36 20.41 8.78 -7.73
N ILE A 37 20.45 8.14 -6.57
CA ILE A 37 20.73 8.79 -5.29
C ILE A 37 22.18 9.25 -5.32
N THR A 38 22.37 10.58 -5.35
CA THR A 38 23.70 11.17 -5.31
C THR A 38 23.58 12.50 -4.58
N THR A 39 24.73 13.05 -4.19
CA THR A 39 24.71 14.39 -3.61
C THR A 39 24.14 15.41 -4.59
N GLU A 40 24.49 15.31 -5.88
CA GLU A 40 24.03 16.31 -6.84
C GLU A 40 22.51 16.24 -7.04
N THR A 41 21.97 15.03 -7.26
CA THR A 41 20.52 14.95 -7.46
C THR A 41 19.77 15.31 -6.18
N SER A 42 20.34 15.06 -5.00
CA SER A 42 19.68 15.49 -3.77
C SER A 42 19.60 17.01 -3.69
N LYS A 43 20.69 17.69 -4.02
CA LYS A 43 20.74 19.14 -3.98
C LYS A 43 19.74 19.76 -4.95
N ILE A 44 19.65 19.21 -6.17
CA ILE A 44 18.65 19.71 -7.11
C ILE A 44 17.24 19.49 -6.58
N LEU A 45 16.98 18.31 -6.01
CA LEU A 45 15.64 18.04 -5.49
C LEU A 45 15.25 19.04 -4.41
N LEU A 46 16.16 19.31 -3.44
CA LEU A 46 15.82 20.27 -2.39
C LEU A 46 15.56 21.65 -2.96
N GLN A 47 16.28 22.02 -4.02
CA GLN A 47 16.01 23.28 -4.68
C GLN A 47 14.64 23.30 -5.34
N LYS A 48 14.24 22.21 -5.98
CA LYS A 48 12.91 22.20 -6.57
C LYS A 48 11.83 22.19 -5.51
N ASN A 49 12.12 21.61 -4.33
CA ASN A 49 11.18 21.73 -3.21
C ASN A 49 10.86 23.20 -2.92
N MET A 50 11.88 24.07 -2.94
CA MET A 50 11.62 25.47 -2.64
C MET A 50 10.87 26.14 -3.79
N GLN A 51 11.15 25.72 -5.02
CA GLN A 51 10.44 26.29 -6.16
C GLN A 51 8.95 25.96 -6.11
N ILE A 52 8.62 24.71 -5.79
CA ILE A 52 7.22 24.36 -5.76
C ILE A 52 6.56 25.01 -4.56
N ALA A 53 7.28 25.19 -3.46
CA ALA A 53 6.69 25.88 -2.32
C ALA A 53 6.38 27.34 -2.64
N GLN A 54 7.26 28.00 -3.38
CA GLN A 54 6.99 29.37 -3.80
C GLN A 54 5.68 29.45 -4.59
N HIS A 55 5.48 28.50 -5.51
CA HIS A 55 4.23 28.46 -6.27
C HIS A 55 3.03 28.22 -5.37
N THR A 56 3.13 27.20 -4.51
CA THR A 56 2.03 26.84 -3.62
C THR A 56 1.66 28.00 -2.74
N LEU A 57 2.66 28.71 -2.23
CA LEU A 57 2.39 29.87 -1.37
C LEU A 57 1.72 31.00 -2.14
N LYS A 58 2.20 31.31 -3.35
CA LYS A 58 1.58 32.36 -4.16
C LYS A 58 0.11 32.07 -4.42
N TYR A 59 -0.19 30.88 -4.94
CA TYR A 59 -1.56 30.57 -5.31
C TYR A 59 -2.41 30.26 -4.10
N GLY A 60 -1.85 29.60 -3.10
CA GLY A 60 -2.59 29.33 -1.89
C GLY A 60 -3.00 30.60 -1.19
N THR A 61 -2.10 31.59 -1.13
CA THR A 61 -2.45 32.88 -0.51
C THR A 61 -3.58 33.56 -1.27
N GLN A 62 -3.53 33.56 -2.60
N GLN A 62 -3.57 33.51 -2.60
CA GLN A 62 -4.64 34.06 -3.41
CA GLN A 62 -4.67 34.11 -3.33
C GLN A 62 -5.92 33.31 -3.08
C GLN A 62 -5.96 33.30 -3.19
N ALA A 63 -5.85 31.97 -3.08
CA ALA A 63 -7.06 31.16 -2.89
C ALA A 63 -7.76 31.51 -1.57
N ARG A 64 -6.97 31.77 -0.53
CA ARG A 64 -7.50 32.12 0.77
C ARG A 64 -8.19 33.50 0.79
N LYS A 65 -7.99 34.34 -0.21
CA LYS A 65 -8.70 35.61 -0.26
C LYS A 65 -10.12 35.42 -0.76
N PHE A 66 -10.43 34.29 -1.38
CA PHE A 66 -11.80 33.99 -1.77
C PHE A 66 -12.56 33.47 -0.57
N ASP A 67 -13.75 34.01 -0.37
CA ASP A 67 -14.71 33.43 0.57
C ASP A 67 -15.48 32.37 -0.22
N VAL A 68 -15.07 31.11 -0.02
CA VAL A 68 -15.68 30.00 -0.72
C VAL A 68 -17.19 29.92 -0.49
N ASN A 69 -17.68 30.45 0.64
CA ASN A 69 -19.13 30.38 0.88
C ASN A 69 -19.92 31.12 -0.17
N GLN A 70 -19.34 32.11 -0.81
CA GLN A 70 -20.10 32.94 -1.73
C GLN A 70 -19.95 32.49 -3.18
N LEU A 71 -19.22 31.42 -3.44
CA LEU A 71 -19.08 30.90 -4.80
C LEU A 71 -20.22 29.97 -5.11
N GLN A 72 -20.83 30.16 -6.27
CA GLN A 72 -21.97 29.37 -6.73
C GLN A 72 -21.56 28.10 -7.44
N ASN A 73 -20.54 28.15 -8.30
CA ASN A 73 -20.13 26.96 -9.04
C ASN A 73 -19.42 26.00 -8.11
N THR A 74 -19.93 24.77 -8.02
CA THR A 74 -19.44 23.88 -6.99
C THR A 74 -18.07 23.29 -7.33
N THR A 75 -17.76 23.14 -8.62
CA THR A 75 -16.43 22.67 -9.03
C THR A 75 -15.37 23.70 -8.70
N ILE A 76 -15.65 24.97 -9.01
CA ILE A 76 -14.67 26.01 -8.70
CA ILE A 76 -14.69 26.02 -8.69
C ILE A 76 -14.54 26.17 -7.19
N LYS A 77 -15.67 26.14 -6.46
CA LYS A 77 -15.64 26.16 -5.01
C LYS A 77 -14.72 25.09 -4.45
N ARG A 78 -14.87 23.88 -4.97
CA ARG A 78 -14.12 22.74 -4.48
C ARG A 78 -12.63 22.88 -4.75
N ILE A 79 -12.28 23.31 -5.97
CA ILE A 79 -10.87 23.53 -6.29
C ILE A 79 -10.26 24.58 -5.38
N ILE A 80 -10.94 25.73 -5.24
CA ILE A 80 -10.36 26.82 -4.45
C ILE A 80 -10.20 26.42 -3.00
N LYS A 81 -11.19 25.74 -2.42
CA LYS A 81 -11.06 25.23 -1.06
C LYS A 81 -9.81 24.36 -0.90
N LYS A 82 -9.60 23.45 -1.83
CA LYS A 82 -8.41 22.59 -1.78
C LYS A 82 -7.12 23.41 -1.87
N VAL A 83 -7.06 24.41 -2.75
CA VAL A 83 -5.83 25.19 -2.97
C VAL A 83 -5.53 26.07 -1.76
N GLN A 84 -6.52 26.33 -0.89
CA GLN A 84 -6.26 27.05 0.35
C GLN A 84 -5.40 26.26 1.32
N ASP A 85 -5.21 24.95 1.10
CA ASP A 85 -4.34 24.11 1.93
C ASP A 85 -2.95 24.12 1.28
N LEU A 86 -2.01 24.78 1.93
CA LEU A 86 -0.66 24.94 1.40
C LEU A 86 0.24 23.76 1.70
N GLU A 87 -0.23 22.82 2.52
CA GLU A 87 0.57 21.72 3.03
C GLU A 87 1.87 22.32 3.55
N ARG A 88 3.05 21.75 3.23
CA ARG A 88 4.26 22.21 3.89
C ARG A 88 4.65 23.64 3.53
N ALA A 89 4.12 24.20 2.44
CA ALA A 89 4.45 25.57 2.07
C ALA A 89 3.87 26.60 3.04
N ALA A 90 3.03 26.17 3.98
CA ALA A 90 2.59 27.06 5.05
C ALA A 90 3.69 27.34 6.06
N LEU A 91 4.72 26.50 6.11
CA LEU A 91 5.77 26.67 7.10
C LEU A 91 6.63 27.90 6.79
N PRO A 92 7.14 28.57 7.81
CA PRO A 92 8.18 29.59 7.61
C PRO A 92 9.39 29.01 6.90
N ALA A 93 10.15 29.86 6.20
CA ALA A 93 11.18 29.37 5.29
C ALA A 93 12.20 28.46 5.99
N GLN A 94 12.64 28.84 7.19
CA GLN A 94 13.67 28.06 7.87
C GLN A 94 13.15 26.68 8.21
N GLU A 95 11.93 26.60 8.74
CA GLU A 95 11.30 25.33 9.07
C GLU A 95 11.01 24.53 7.81
N LEU A 96 10.60 25.20 6.73
CA LEU A 96 10.35 24.47 5.49
C LEU A 96 11.62 23.79 4.99
N GLU A 97 12.74 24.51 5.00
CA GLU A 97 14.01 23.92 4.58
C GLU A 97 14.38 22.73 5.46
N GLU A 98 14.23 22.88 6.77
CA GLU A 98 14.55 21.79 7.70
C GLU A 98 13.69 20.58 7.42
N TYR A 99 12.39 20.80 7.18
CA TYR A 99 11.46 19.71 6.93
C TYR A 99 11.82 18.96 5.66
N ASN A 100 12.10 19.68 4.59
CA ASN A 100 12.46 19.02 3.33
C ASN A 100 13.71 18.20 3.51
N LYS A 101 14.70 18.73 4.24
CA LYS A 101 15.93 17.97 4.46
C LYS A 101 15.68 16.74 5.30
N ILE A 102 14.81 16.86 6.33
CA ILE A 102 14.47 15.70 7.17
C ILE A 102 13.81 14.61 6.33
N LEU A 103 12.86 14.98 5.48
CA LEU A 103 12.20 13.99 4.65
C LEU A 103 13.18 13.30 3.72
N LEU A 104 14.07 14.07 3.11
CA LEU A 104 15.04 13.46 2.22
C LEU A 104 16.00 12.57 3.00
N ASP A 105 16.44 13.00 4.18
CA ASP A 105 17.37 12.19 4.97
C ASP A 105 16.71 10.89 5.42
N MET A 106 15.43 10.94 5.79
CA MET A 106 14.76 9.74 6.24
C MET A 106 14.61 8.75 5.08
N GLU A 107 14.13 9.24 3.93
CA GLU A 107 13.91 8.28 2.86
C GLU A 107 15.23 7.74 2.31
N THR A 108 16.30 8.54 2.32
CA THR A 108 17.58 8.04 1.86
C THR A 108 18.10 6.99 2.84
N THR A 109 17.96 7.24 4.15
CA THR A 109 18.43 6.30 5.16
C THR A 109 17.79 4.93 4.95
N TYR A 110 16.48 4.91 4.75
CA TYR A 110 15.77 3.65 4.52
C TYR A 110 16.30 2.95 3.28
N SER A 111 16.47 3.68 2.19
CA SER A 111 16.70 3.05 0.89
C SER A 111 18.14 2.60 0.67
N VAL A 112 19.10 3.07 1.48
CA VAL A 112 20.48 2.63 1.37
C VAL A 112 20.92 1.77 2.55
N ALA A 113 20.05 1.49 3.50
CA ALA A 113 20.46 0.68 4.64
C ALA A 113 20.81 -0.74 4.20
N THR A 114 21.83 -1.32 4.83
CA THR A 114 22.21 -2.70 4.56
C THR A 114 22.48 -3.42 5.88
N VAL A 115 22.44 -4.74 5.82
CA VAL A 115 22.67 -5.62 6.96
C VAL A 115 23.83 -6.54 6.60
N CYS A 116 24.88 -6.52 7.41
CA CYS A 116 26.16 -7.18 7.08
C CYS A 116 26.46 -8.35 8.01
N HIS A 117 26.92 -9.43 7.43
CA HIS A 117 27.55 -10.50 8.20
C HIS A 117 28.94 -10.09 8.62
N PRO A 118 29.44 -10.61 9.74
CA PRO A 118 30.79 -10.25 10.19
C PRO A 118 31.80 -10.78 9.21
N GLN A 119 32.69 -9.89 8.74
CA GLN A 119 33.66 -10.26 7.73
C GLN A 119 32.97 -11.08 6.64
N GLY A 120 31.79 -10.63 6.23
CA GLY A 120 31.02 -11.30 5.20
C GLY A 120 30.26 -10.33 4.33
N SER A 121 29.24 -10.81 3.63
CA SER A 121 28.57 -9.99 2.64
C SER A 121 27.56 -9.07 3.32
N CYS A 122 27.24 -7.98 2.64
CA CYS A 122 26.22 -7.02 3.07
C CYS A 122 25.00 -7.12 2.19
N LEU A 123 23.83 -7.23 2.82
CA LEU A 123 22.59 -7.50 2.13
C LEU A 123 21.72 -6.25 2.10
N GLN A 124 21.15 -5.96 0.93
CA GLN A 124 20.14 -4.94 0.80
C GLN A 124 18.75 -5.52 1.10
N LEU A 125 17.79 -4.63 1.37
CA LEU A 125 16.44 -5.11 1.65
C LEU A 125 15.92 -5.89 0.46
N GLU A 126 16.01 -5.33 -0.75
CA GLU A 126 15.52 -5.93 -1.99
C GLU A 126 16.70 -6.19 -2.90
N PRO A 127 16.92 -7.41 -3.38
CA PRO A 127 16.09 -8.60 -3.16
C PRO A 127 16.54 -9.42 -1.95
N ASP A 128 17.68 -9.08 -1.33
CA ASP A 128 18.39 -10.06 -0.51
C ASP A 128 17.62 -10.40 0.77
N LEU A 129 17.29 -9.39 1.58
CA LEU A 129 16.64 -9.70 2.85
C LEU A 129 15.22 -10.16 2.64
N THR A 130 14.52 -9.61 1.66
CA THR A 130 13.17 -10.09 1.44
C THR A 130 13.19 -11.54 1.00
N ASN A 131 14.23 -11.94 0.26
CA ASN A 131 14.34 -13.35 -0.14
C ASN A 131 14.61 -14.23 1.07
N VAL A 132 15.42 -13.76 2.02
CA VAL A 132 15.65 -14.57 3.22
C VAL A 132 14.34 -14.77 3.96
N MET A 133 13.61 -13.68 4.15
CA MET A 133 12.36 -13.77 4.91
C MET A 133 11.38 -14.70 4.22
N ALA A 134 11.33 -14.68 2.88
CA ALA A 134 10.39 -15.51 2.14
C ALA A 134 10.73 -16.99 2.14
N THR A 135 12.02 -17.35 2.15
CA THR A 135 12.40 -18.72 1.84
C THR A 135 13.14 -19.45 2.95
N SER A 136 13.79 -18.74 3.89
CA SER A 136 14.45 -19.44 4.98
C SER A 136 13.42 -20.08 5.91
N ARG A 137 13.70 -21.30 6.34
CA ARG A 137 12.86 -22.00 7.29
C ARG A 137 13.64 -22.32 8.56
N LYS A 138 14.68 -21.52 8.83
CA LYS A 138 15.55 -21.68 9.99
C LYS A 138 15.33 -20.48 10.90
N TYR A 139 14.88 -20.76 12.12
CA TYR A 139 14.48 -19.71 13.08
C TYR A 139 15.59 -18.66 13.27
N GLU A 140 16.83 -19.10 13.41
CA GLU A 140 17.92 -18.17 13.70
C GLU A 140 18.29 -17.34 12.48
N ASP A 141 18.14 -17.89 11.28
CA ASP A 141 18.49 -17.13 10.09
C ASP A 141 17.45 -16.04 9.84
N LEU A 142 16.18 -16.39 10.04
CA LEU A 142 15.12 -15.40 9.95
C LEU A 142 15.32 -14.32 10.99
N LEU A 143 15.70 -14.71 12.21
CA LEU A 143 15.89 -13.74 13.28
C LEU A 143 17.01 -12.78 12.95
N TRP A 144 18.08 -13.29 12.35
CA TRP A 144 19.19 -12.43 11.96
C TRP A 144 18.73 -11.33 10.99
N ALA A 145 17.95 -11.71 9.98
CA ALA A 145 17.48 -10.73 9.01
C ALA A 145 16.47 -9.77 9.63
N TRP A 146 15.54 -10.29 10.44
CA TRP A 146 14.48 -9.49 11.05
C TRP A 146 15.06 -8.44 12.01
N GLU A 147 15.95 -8.89 12.90
CA GLU A 147 16.59 -8.00 13.87
C GLU A 147 17.56 -7.07 13.18
N GLY A 148 18.35 -7.59 12.23
CA GLY A 148 19.35 -6.78 11.56
C GLY A 148 18.73 -5.62 10.82
N TRP A 149 17.62 -5.88 10.13
CA TRP A 149 16.95 -4.81 9.41
C TRP A 149 16.45 -3.71 10.36
N ARG A 150 15.87 -4.10 11.49
CA ARG A 150 15.41 -3.10 12.43
C ARG A 150 16.57 -2.36 13.06
N ASP A 151 17.68 -3.06 13.33
CA ASP A 151 18.84 -2.41 13.93
C ASP A 151 19.43 -1.35 13.00
N LYS A 152 19.45 -1.62 11.70
CA LYS A 152 20.12 -0.75 10.74
C LYS A 152 19.18 0.31 10.17
N ALA A 153 17.97 -0.08 9.77
CA ALA A 153 17.06 0.89 9.19
C ALA A 153 16.22 1.58 10.25
N GLY A 154 15.65 0.84 11.19
CA GLY A 154 14.73 1.44 12.13
C GLY A 154 15.43 2.36 13.10
N ARG A 155 16.49 1.87 13.73
CA ARG A 155 17.20 2.68 14.71
C ARG A 155 17.74 3.95 14.09
N ALA A 156 18.11 3.91 12.80
CA ALA A 156 18.68 5.08 12.15
C ALA A 156 17.64 6.17 11.84
N ILE A 157 16.35 5.86 11.82
CA ILE A 157 15.33 6.87 11.58
C ILE A 157 14.97 7.62 12.85
N LEU A 158 15.22 7.05 14.03
CA LEU A 158 14.74 7.65 15.27
C LEU A 158 15.24 9.07 15.48
N GLN A 159 16.48 9.37 15.06
CA GLN A 159 17.03 10.70 15.28
C GLN A 159 16.21 11.77 14.56
N PHE A 160 15.50 11.40 13.51
CA PHE A 160 14.75 12.35 12.71
C PHE A 160 13.29 12.47 13.11
N TYR A 161 12.71 11.41 13.69
CA TYR A 161 11.26 11.32 13.69
C TYR A 161 10.61 12.38 14.58
N PRO A 162 11.14 12.69 15.78
CA PRO A 162 10.46 13.71 16.60
C PRO A 162 10.37 15.06 15.90
N LYS A 163 11.43 15.46 15.19
CA LYS A 163 11.37 16.74 14.51
C LYS A 163 10.45 16.70 13.29
N TYR A 164 10.45 15.58 12.57
CA TYR A 164 9.46 15.38 11.52
C TYR A 164 8.04 15.57 12.03
N VAL A 165 7.73 14.95 13.17
CA VAL A 165 6.38 15.06 13.75
C VAL A 165 6.06 16.51 14.09
N GLU A 166 7.01 17.19 14.76
CA GLU A 166 6.75 18.58 15.10
C GLU A 166 6.44 19.40 13.86
N LEU A 167 7.20 19.20 12.79
CA LEU A 167 7.06 20.07 11.62
C LEU A 167 5.82 19.73 10.77
N ILE A 168 5.53 18.45 10.59
CA ILE A 168 4.33 18.09 9.82
C ILE A 168 3.08 18.54 10.57
N ASN A 169 3.09 18.44 11.91
CA ASN A 169 1.95 18.94 12.68
C ASN A 169 1.84 20.44 12.59
N GLN A 170 2.98 21.14 12.64
CA GLN A 170 2.96 22.59 12.56
C GLN A 170 2.33 23.04 11.25
N ALA A 171 2.72 22.38 10.15
CA ALA A 171 2.13 22.71 8.86
C ALA A 171 0.64 22.41 8.86
N ALA A 172 0.22 21.28 9.43
CA ALA A 172 -1.21 20.99 9.49
C ALA A 172 -1.97 22.08 10.24
N ARG A 173 -1.45 22.52 11.38
CA ARG A 173 -2.15 23.58 12.14
C ARG A 173 -2.23 24.88 11.35
N LEU A 174 -1.19 25.19 10.61
CA LEU A 174 -1.17 26.40 9.79
C LEU A 174 -2.13 26.31 8.63
N ASN A 175 -2.64 25.12 8.33
CA ASN A 175 -3.64 24.91 7.29
C ASN A 175 -5.02 24.62 7.85
N GLY A 176 -5.22 24.82 9.15
CA GLY A 176 -6.53 24.76 9.76
C GLY A 176 -6.93 23.44 10.38
N TYR A 177 -6.01 22.47 10.43
CA TYR A 177 -6.25 21.20 11.07
C TYR A 177 -5.69 21.23 12.50
N VAL A 178 -6.00 20.20 13.28
CA VAL A 178 -5.48 20.18 14.64
C VAL A 178 -4.14 19.46 14.71
N ASP A 179 -3.87 18.56 13.77
CA ASP A 179 -2.60 17.84 13.66
C ASP A 179 -2.57 17.14 12.30
N ALA A 180 -1.42 16.54 12.00
CA ALA A 180 -1.23 15.96 10.68
C ALA A 180 -2.16 14.76 10.45
N GLY A 181 -2.54 14.04 11.50
CA GLY A 181 -3.42 12.90 11.28
C GLY A 181 -4.81 13.35 10.90
N ASP A 182 -5.29 14.42 11.54
CA ASP A 182 -6.54 15.09 11.12
C ASP A 182 -6.48 15.47 9.64
N SER A 183 -5.39 16.09 9.23
N SER A 183 -5.38 16.07 9.22
CA SER A 183 -5.23 16.46 7.82
CA SER A 183 -5.27 16.46 7.81
C SER A 183 -5.31 15.23 6.92
C SER A 183 -5.27 15.25 6.88
N TRP A 184 -4.58 14.16 7.26
CA TRP A 184 -4.59 12.97 6.41
C TRP A 184 -5.98 12.33 6.34
N ARG A 185 -6.66 12.21 7.48
CA ARG A 185 -8.00 11.61 7.49
C ARG A 185 -8.97 12.42 6.64
N SER A 186 -8.77 13.74 6.54
N SER A 186 -8.79 13.73 6.54
CA SER A 186 -9.66 14.61 5.78
CA SER A 186 -9.72 14.56 5.79
C SER A 186 -9.70 14.26 4.30
C SER A 186 -9.70 14.27 4.29
N MET A 187 -8.72 13.52 3.80
CA MET A 187 -8.70 13.17 2.38
C MET A 187 -9.91 12.31 2.02
N TYR A 188 -10.53 11.65 2.98
CA TYR A 188 -11.70 10.80 2.74
C TYR A 188 -13.00 11.58 2.78
N GLU A 189 -12.97 12.81 3.25
CA GLU A 189 -14.18 13.65 3.33
C GLU A 189 -15.34 12.88 3.96
N THR A 190 -15.05 12.11 5.02
CA THR A 190 -16.04 11.24 5.65
C THR A 190 -15.96 11.41 7.15
N PRO A 191 -16.89 12.19 7.74
CA PRO A 191 -16.81 12.46 9.19
C PRO A 191 -16.84 11.21 10.05
N SER A 192 -17.50 10.15 9.56
CA SER A 192 -17.59 8.92 10.31
C SER A 192 -16.46 7.95 10.03
N LEU A 193 -15.34 8.42 9.46
CA LEU A 193 -14.29 7.50 8.99
C LEU A 193 -13.81 6.54 10.07
N GLU A 194 -13.46 7.05 11.26
CA GLU A 194 -12.86 6.17 12.26
C GLU A 194 -13.83 5.07 12.68
N GLN A 195 -15.09 5.41 12.90
CA GLN A 195 -16.07 4.41 13.25
C GLN A 195 -16.29 3.43 12.12
N ASP A 196 -16.40 3.94 10.89
CA ASP A 196 -16.61 3.05 9.75
C ASP A 196 -15.49 2.04 9.61
N LEU A 197 -14.23 2.49 9.75
CA LEU A 197 -13.09 1.59 9.66
C LEU A 197 -13.08 0.55 10.78
N GLU A 198 -13.40 0.96 12.00
CA GLU A 198 -13.47 0.02 13.11
C GLU A 198 -14.52 -1.06 12.88
N ARG A 199 -15.70 -0.67 12.35
CA ARG A 199 -16.75 -1.64 12.10
C ARG A 199 -16.30 -2.64 11.05
N LEU A 200 -15.61 -2.18 10.02
CA LEU A 200 -15.12 -3.09 8.99
C LEU A 200 -14.07 -4.04 9.55
N PHE A 201 -13.14 -3.52 10.33
CA PHE A 201 -12.15 -4.35 10.99
C PHE A 201 -12.83 -5.43 11.81
N GLN A 202 -13.85 -5.05 12.59
CA GLN A 202 -14.49 -6.05 13.44
C GLN A 202 -15.18 -7.13 12.60
N GLU A 203 -15.69 -6.80 11.42
CA GLU A 203 -16.37 -7.82 10.61
C GLU A 203 -15.40 -8.86 10.10
N LEU A 204 -14.12 -8.51 9.94
CA LEU A 204 -13.11 -9.43 9.45
C LEU A 204 -12.47 -10.28 10.55
N GLN A 205 -12.85 -10.07 11.82
CA GLN A 205 -12.23 -10.82 12.92
C GLN A 205 -12.43 -12.33 12.86
N PRO A 206 -13.63 -12.86 12.65
CA PRO A 206 -13.75 -14.32 12.53
C PRO A 206 -12.77 -14.93 11.54
N LEU A 207 -12.66 -14.34 10.34
CA LEU A 207 -11.71 -14.87 9.38
C LEU A 207 -10.28 -14.74 9.88
N TYR A 208 -9.91 -13.56 10.40
CA TYR A 208 -8.51 -13.41 10.78
C TYR A 208 -8.14 -14.28 11.97
N LEU A 209 -9.01 -14.33 12.98
CA LEU A 209 -8.67 -15.17 14.14
C LEU A 209 -8.54 -16.64 13.77
N ASN A 210 -9.41 -17.12 12.87
CA ASN A 210 -9.31 -18.51 12.46
C ASN A 210 -8.07 -18.75 11.61
N LEU A 211 -7.72 -17.82 10.76
CA LEU A 211 -6.49 -17.97 9.98
C LEU A 211 -5.27 -17.98 10.88
N HIS A 212 -5.21 -17.03 11.82
CA HIS A 212 -4.13 -16.91 12.77
C HIS A 212 -3.94 -18.18 13.56
N ALA A 213 -5.03 -18.78 14.07
CA ALA A 213 -4.91 -20.01 14.85
C ALA A 213 -4.40 -21.17 14.01
N TYR A 214 -4.88 -21.27 12.78
CA TYR A 214 -4.44 -22.36 11.90
C TYR A 214 -2.95 -22.21 11.55
N VAL A 215 -2.51 -20.99 11.25
CA VAL A 215 -1.12 -20.77 10.89
C VAL A 215 -0.23 -21.01 12.11
N ARG A 216 -0.70 -20.56 13.30
CA ARG A 216 0.06 -20.77 14.52
C ARG A 216 0.29 -22.26 14.73
N ARG A 217 -0.73 -23.10 14.50
CA ARG A 217 -0.59 -24.53 14.68
C ARG A 217 0.45 -25.11 13.71
N ALA A 218 0.43 -24.63 12.46
CA ALA A 218 1.39 -25.09 11.47
C ALA A 218 2.81 -24.69 11.83
N LEU A 219 2.97 -23.49 12.38
CA LEU A 219 4.29 -23.04 12.79
C LEU A 219 4.79 -23.86 13.97
N HIS A 220 3.89 -24.22 14.87
CA HIS A 220 4.22 -25.11 15.98
C HIS A 220 4.77 -26.42 15.45
N ARG A 221 4.13 -26.97 14.39
CA ARG A 221 4.59 -28.22 13.81
C ARG A 221 5.98 -28.09 13.24
N HIS A 222 6.29 -26.98 12.58
CA HIS A 222 7.59 -26.88 11.92
C HIS A 222 8.72 -26.41 12.86
N TYR A 223 8.46 -25.34 13.64
CA TYR A 223 9.51 -24.69 14.43
C TYR A 223 9.64 -25.24 15.85
N GLY A 224 8.67 -26.02 16.30
CA GLY A 224 8.77 -26.79 17.52
C GLY A 224 7.93 -26.19 18.64
N ALA A 225 7.45 -27.07 19.50
CA ALA A 225 6.61 -26.68 20.61
C ALA A 225 7.31 -25.72 21.57
N GLN A 226 8.64 -25.80 21.71
CA GLN A 226 9.32 -24.86 22.59
C GLN A 226 9.35 -23.43 22.06
N HIS A 227 8.99 -23.21 20.81
CA HIS A 227 9.11 -21.90 20.19
C HIS A 227 7.79 -21.29 19.75
N ILE A 228 6.68 -22.02 19.89
CA ILE A 228 5.33 -21.54 19.53
C ILE A 228 4.39 -21.88 20.68
N ASN A 229 3.72 -20.87 21.23
CA ASN A 229 2.70 -21.01 22.24
C ASN A 229 1.35 -21.04 21.55
N LEU A 230 0.65 -22.18 21.61
CA LEU A 230 -0.61 -22.37 20.91
C LEU A 230 -1.72 -21.49 21.45
N GLU A 231 -1.50 -20.77 22.56
CA GLU A 231 -2.49 -19.84 23.10
C GLU A 231 -1.97 -18.42 23.12
N GLY A 232 -0.85 -18.15 22.45
CA GLY A 232 -0.25 -16.85 22.47
C GLY A 232 0.00 -16.24 21.10
N PRO A 233 0.65 -15.08 21.09
CA PRO A 233 0.96 -14.42 19.82
C PRO A 233 2.06 -15.16 19.09
N ILE A 234 2.05 -14.97 17.77
CA ILE A 234 3.02 -15.59 16.88
C ILE A 234 4.29 -14.74 16.81
N PRO A 235 5.48 -15.33 16.89
CA PRO A 235 6.71 -14.54 16.66
C PRO A 235 6.75 -13.90 15.27
N ALA A 236 7.11 -12.61 15.22
CA ALA A 236 6.85 -11.79 14.04
C ALA A 236 7.77 -12.03 12.86
N HIS A 237 8.80 -12.90 13.01
CA HIS A 237 9.75 -13.16 11.94
C HIS A 237 9.48 -14.44 11.15
N LEU A 238 8.38 -15.14 11.41
CA LEU A 238 8.11 -16.47 10.89
C LEU A 238 7.07 -16.50 9.79
N LEU A 239 6.62 -15.33 9.33
CA LEU A 239 5.46 -15.27 8.45
C LEU A 239 5.81 -15.04 6.97
N GLY A 240 7.10 -15.05 6.59
CA GLY A 240 7.48 -15.03 5.19
C GLY A 240 7.74 -13.65 4.64
N ASN A 241 7.56 -12.62 5.46
CA ASN A 241 7.58 -11.23 5.03
C ASN A 241 8.22 -10.44 6.16
N MET A 242 9.04 -9.44 5.81
CA MET A 242 9.79 -8.69 6.82
C MET A 242 8.90 -8.05 7.89
N TRP A 243 7.67 -7.66 7.55
CA TRP A 243 6.77 -6.97 8.45
C TRP A 243 5.61 -7.85 8.88
N ALA A 244 5.60 -9.13 8.49
CA ALA A 244 4.50 -10.05 8.74
C ALA A 244 3.17 -9.46 8.29
N GLN A 245 3.20 -8.69 7.20
N GLN A 245 3.20 -8.69 7.20
CA GLN A 245 1.99 -8.00 6.75
CA GLN A 245 2.00 -8.00 6.74
C GLN A 245 1.21 -8.85 5.75
C GLN A 245 1.21 -8.87 5.79
N THR A 246 1.88 -9.79 5.09
CA THR A 246 1.27 -10.77 4.22
C THR A 246 2.05 -12.05 4.45
N TRP A 247 1.35 -13.17 4.43
CA TRP A 247 1.89 -14.44 4.89
C TRP A 247 1.98 -15.48 3.78
N SER A 248 1.79 -15.12 2.51
CA SER A 248 1.67 -16.18 1.52
C SER A 248 2.99 -16.90 1.20
N ASN A 249 4.15 -16.36 1.60
CA ASN A 249 5.38 -17.06 1.34
C ASN A 249 5.58 -18.26 2.25
N ILE A 250 4.77 -18.41 3.30
CA ILE A 250 4.83 -19.65 4.07
C ILE A 250 3.71 -20.61 3.69
N TYR A 251 3.14 -20.44 2.50
CA TYR A 251 2.14 -21.39 2.02
C TYR A 251 2.63 -22.84 2.15
N ASP A 252 3.91 -23.12 1.84
CA ASP A 252 4.47 -24.46 1.92
C ASP A 252 4.33 -25.08 3.30
N LEU A 253 4.32 -24.26 4.33
CA LEU A 253 4.19 -24.75 5.69
C LEU A 253 2.76 -24.96 6.12
N VAL A 254 1.80 -24.38 5.40
CA VAL A 254 0.41 -24.35 5.88
C VAL A 254 -0.57 -24.95 4.88
N VAL A 255 -0.10 -25.59 3.81
N VAL A 255 -0.11 -25.57 3.80
CA VAL A 255 -0.95 -26.13 2.74
CA VAL A 255 -1.00 -25.97 2.71
C VAL A 255 -2.11 -26.92 3.33
C VAL A 255 -2.10 -26.91 3.24
N PRO A 256 -3.37 -26.57 3.03
CA PRO A 256 -4.48 -27.37 3.59
C PRO A 256 -4.48 -28.81 3.10
N PHE A 257 -4.19 -29.00 1.81
CA PHE A 257 -4.20 -30.33 1.20
C PHE A 257 -2.88 -30.54 0.47
N PRO A 258 -1.87 -31.08 1.16
CA PRO A 258 -0.56 -31.26 0.52
C PRO A 258 -0.58 -32.33 -0.59
N SER A 259 -1.60 -33.16 -0.66
CA SER A 259 -1.74 -34.11 -1.77
C SER A 259 -2.23 -33.46 -3.05
N ALA A 260 -2.53 -32.16 -3.03
CA ALA A 260 -2.89 -31.38 -4.19
C ALA A 260 -1.86 -30.25 -4.33
N PRO A 261 -0.62 -30.59 -4.67
CA PRO A 261 0.43 -29.57 -4.78
C PRO A 261 0.28 -28.70 -6.03
N SER A 262 0.87 -27.50 -5.94
CA SER A 262 0.89 -26.53 -7.02
C SER A 262 2.29 -26.45 -7.63
N MET A 263 2.33 -26.24 -8.95
CA MET A 263 3.60 -26.00 -9.61
CA MET A 263 3.60 -25.99 -9.61
C MET A 263 4.32 -24.81 -8.96
N ASP A 264 5.65 -24.94 -8.86
CA ASP A 264 6.51 -23.87 -8.35
C ASP A 264 6.47 -22.72 -9.36
N THR A 265 5.78 -21.64 -9.03
CA THR A 265 5.56 -20.58 -10.01
C THR A 265 6.80 -19.77 -10.31
N THR A 266 7.74 -19.66 -9.37
CA THR A 266 8.96 -18.90 -9.67
C THR A 266 9.77 -19.65 -10.72
N GLU A 267 9.95 -20.95 -10.50
CA GLU A 267 10.71 -21.75 -11.45
C GLU A 267 9.99 -21.80 -12.79
N ALA A 268 8.66 -21.77 -12.79
CA ALA A 268 7.93 -21.79 -14.05
C ALA A 268 8.14 -20.49 -14.81
N MET A 269 8.12 -19.38 -14.10
CA MET A 269 8.34 -18.09 -14.74
C MET A 269 9.76 -18.01 -15.30
N LEU A 270 10.74 -18.50 -14.55
CA LEU A 270 12.12 -18.47 -15.03
C LEU A 270 12.32 -19.41 -16.20
N LYS A 271 11.77 -20.62 -16.13
CA LYS A 271 11.99 -21.57 -17.22
C LYS A 271 11.33 -21.07 -18.50
N GLN A 272 10.22 -20.34 -18.39
N GLN A 272 10.22 -20.34 -18.38
CA GLN A 272 9.54 -19.85 -19.57
CA GLN A 272 9.48 -19.83 -19.53
C GLN A 272 10.00 -18.46 -20.00
C GLN A 272 10.03 -18.49 -20.03
N GLY A 273 11.14 -18.01 -19.46
CA GLY A 273 11.78 -16.80 -19.95
C GLY A 273 11.14 -15.49 -19.55
N TRP A 274 10.33 -15.48 -18.48
CA TRP A 274 9.75 -14.23 -18.04
C TRP A 274 10.82 -13.27 -17.57
N THR A 275 10.57 -11.99 -17.82
CA THR A 275 11.42 -10.88 -17.45
C THR A 275 10.53 -9.84 -16.83
N PRO A 276 11.10 -8.86 -16.16
CA PRO A 276 10.28 -7.75 -15.68
C PRO A 276 9.44 -7.08 -16.78
N ARG A 277 10.00 -6.84 -17.96
N ARG A 277 9.99 -6.85 -17.96
CA ARG A 277 9.21 -6.22 -19.02
CA ARG A 277 9.20 -6.21 -19.00
C ARG A 277 8.01 -7.08 -19.39
C ARG A 277 8.00 -7.08 -19.38
N ARG A 278 8.18 -8.39 -19.44
CA ARG A 278 7.06 -9.27 -19.77
C ARG A 278 5.97 -9.14 -18.71
N MET A 279 6.37 -9.00 -17.45
CA MET A 279 5.37 -8.92 -16.39
C MET A 279 4.51 -7.70 -16.57
N PHE A 280 5.14 -6.56 -16.86
CA PHE A 280 4.39 -5.33 -17.09
C PHE A 280 3.61 -5.38 -18.39
N LYS A 281 4.12 -6.05 -19.43
CA LYS A 281 3.36 -6.23 -20.67
C LYS A 281 2.09 -7.05 -20.41
N GLU A 282 2.16 -8.09 -19.58
CA GLU A 282 0.95 -8.87 -19.27
C GLU A 282 -0.06 -8.02 -18.54
N ALA A 283 0.41 -7.19 -17.59
CA ALA A 283 -0.51 -6.27 -16.93
C ALA A 283 -1.19 -5.32 -17.92
N ASP A 284 -0.40 -4.73 -18.81
CA ASP A 284 -0.95 -3.81 -19.82
C ASP A 284 -1.99 -4.51 -20.66
N ASP A 285 -1.73 -5.77 -21.01
CA ASP A 285 -2.70 -6.55 -21.79
C ASP A 285 -3.99 -6.78 -21.02
N PHE A 286 -3.92 -7.01 -19.71
CA PHE A 286 -5.16 -7.21 -18.99
C PHE A 286 -5.99 -5.92 -19.00
N PHE A 287 -5.35 -4.76 -18.78
CA PHE A 287 -6.09 -3.51 -18.82
C PHE A 287 -6.73 -3.29 -20.19
N THR A 288 -5.98 -3.44 -21.29
CA THR A 288 -6.59 -3.21 -22.59
C THR A 288 -7.66 -4.25 -22.93
N SER A 289 -7.59 -5.46 -22.35
CA SER A 289 -8.62 -6.46 -22.60
C SER A 289 -9.96 -6.01 -22.06
N LEU A 290 -9.94 -5.14 -21.04
CA LEU A 290 -11.18 -4.57 -20.49
C LEU A 290 -11.62 -3.34 -21.24
N GLY A 291 -10.91 -2.98 -22.31
CA GLY A 291 -11.19 -1.75 -23.02
C GLY A 291 -10.62 -0.52 -22.36
N LEU A 292 -9.73 -0.68 -21.37
CA LEU A 292 -9.08 0.43 -20.71
C LEU A 292 -7.85 0.84 -21.52
N LEU A 293 -7.15 1.89 -21.08
CA LEU A 293 -6.14 2.51 -21.92
C LEU A 293 -4.82 1.74 -21.84
N PRO A 294 -4.10 1.63 -22.96
CA PRO A 294 -2.73 1.15 -22.92
C PRO A 294 -1.81 2.22 -22.37
N VAL A 295 -0.70 1.80 -21.78
CA VAL A 295 0.29 2.81 -21.39
C VAL A 295 0.95 3.33 -22.66
N PRO A 296 1.40 4.59 -22.66
CA PRO A 296 1.95 5.17 -23.87
C PRO A 296 3.33 4.60 -24.18
N PRO A 297 3.76 4.72 -25.43
CA PRO A 297 5.14 4.29 -25.77
C PRO A 297 6.20 4.87 -24.84
N GLU A 298 6.02 6.13 -24.43
CA GLU A 298 7.00 6.79 -23.55
C GLU A 298 7.21 6.02 -22.24
N PHE A 299 6.15 5.42 -21.71
CA PHE A 299 6.27 4.63 -20.48
C PHE A 299 7.35 3.57 -20.62
N TRP A 300 7.41 2.89 -21.76
CA TRP A 300 8.36 1.80 -21.92
C TRP A 300 9.78 2.33 -22.08
N GLN A 301 9.94 3.54 -22.63
CA GLN A 301 11.27 4.12 -22.80
C GLN A 301 11.84 4.63 -21.48
N LYS A 302 10.98 5.19 -20.62
CA LYS A 302 11.43 5.98 -19.47
C LYS A 302 11.30 5.27 -18.13
N SER A 303 10.47 4.25 -18.00
CA SER A 303 10.29 3.58 -16.71
C SER A 303 11.57 2.84 -16.30
N MET A 304 11.68 2.59 -14.99
CA MET A 304 12.77 1.81 -14.42
C MET A 304 12.14 0.53 -13.89
N LEU A 305 12.19 -0.53 -14.67
CA LEU A 305 11.43 -1.73 -14.29
C LEU A 305 12.27 -2.82 -13.65
N GLU A 306 13.58 -2.59 -13.48
CA GLU A 306 14.45 -3.50 -12.75
C GLU A 306 15.53 -2.68 -12.09
N LYS A 307 16.15 -3.26 -11.07
CA LYS A 307 17.26 -2.61 -10.39
C LYS A 307 18.41 -2.37 -11.35
N PRO A 308 18.97 -1.14 -11.42
CA PRO A 308 20.14 -0.91 -12.27
C PRO A 308 21.34 -1.74 -11.86
N THR A 309 22.14 -2.10 -12.86
CA THR A 309 23.37 -2.84 -12.64
C THR A 309 24.62 -1.97 -12.80
N ASP A 310 24.44 -0.66 -13.00
CA ASP A 310 25.53 0.24 -13.40
C ASP A 310 26.15 1.00 -12.25
N GLY A 311 25.99 0.52 -11.02
CA GLY A 311 26.49 1.24 -9.86
C GLY A 311 25.53 2.25 -9.24
N ARG A 312 24.46 2.63 -9.92
CA ARG A 312 23.49 3.55 -9.33
C ARG A 312 22.87 2.96 -8.07
N GLU A 313 22.73 3.81 -7.05
CA GLU A 313 21.84 3.54 -5.92
C GLU A 313 20.48 4.16 -6.22
N VAL A 314 19.42 3.42 -5.88
CA VAL A 314 18.06 3.81 -6.20
C VAL A 314 17.18 3.51 -5.00
N VAL A 315 15.99 4.13 -5.01
CA VAL A 315 14.88 3.75 -4.16
C VAL A 315 14.19 2.58 -4.83
N CYS A 316 14.35 1.37 -4.28
N CYS A 316 14.37 1.38 -4.27
CA CYS A 316 13.75 0.20 -4.93
CA CYS A 316 13.78 0.18 -4.89
C CYS A 316 12.27 0.05 -4.69
C CYS A 316 12.27 0.14 -4.74
N HIS A 317 11.73 0.64 -3.63
CA HIS A 317 10.33 0.43 -3.29
C HIS A 317 9.41 0.85 -4.43
N ALA A 318 8.60 -0.09 -4.91
CA ALA A 318 7.81 0.12 -6.14
C ALA A 318 6.88 1.33 -6.05
N SER A 319 6.81 2.10 -7.13
CA SER A 319 5.90 3.25 -7.15
C SER A 319 5.63 3.70 -8.58
N ALA A 320 4.52 4.41 -8.71
CA ALA A 320 3.98 4.92 -9.97
C ALA A 320 3.95 6.43 -9.97
N TRP A 321 4.34 7.00 -11.12
CA TRP A 321 4.65 8.42 -11.24
C TRP A 321 3.85 9.09 -12.35
N ASP A 322 3.22 10.20 -11.97
CA ASP A 322 2.53 11.09 -12.89
C ASP A 322 3.39 12.34 -13.02
N PHE A 323 3.75 12.71 -14.25
CA PHE A 323 4.57 13.91 -14.47
C PHE A 323 3.74 15.14 -14.84
N TYR A 324 2.43 15.06 -14.65
CA TYR A 324 1.54 16.22 -14.70
C TYR A 324 1.54 16.90 -16.06
N ASN A 325 1.77 16.15 -17.13
CA ASN A 325 1.61 16.71 -18.46
C ASN A 325 0.68 15.91 -19.37
N GLY A 326 -0.03 14.93 -18.83
CA GLY A 326 -0.95 14.10 -19.58
C GLY A 326 -0.33 13.13 -20.56
N LYS A 327 1.00 12.98 -20.55
CA LYS A 327 1.70 12.16 -21.54
C LYS A 327 2.76 11.25 -20.92
N ASP A 328 3.41 11.72 -19.86
CA ASP A 328 4.57 11.05 -19.25
C ASP A 328 4.13 10.41 -17.92
N PHE A 329 4.05 9.09 -17.93
CA PHE A 329 3.70 8.26 -16.78
C PHE A 329 4.76 7.17 -16.69
N ARG A 330 5.20 6.83 -15.47
CA ARG A 330 6.32 5.89 -15.33
C ARG A 330 6.15 5.06 -14.08
N ILE A 331 6.74 3.86 -14.10
CA ILE A 331 6.87 3.02 -12.91
C ILE A 331 8.35 2.87 -12.61
N LYS A 332 8.67 2.89 -11.31
CA LYS A 332 9.99 2.66 -10.77
C LYS A 332 9.86 1.49 -9.79
N GLN A 333 10.35 0.31 -10.21
CA GLN A 333 10.22 -0.91 -9.42
C GLN A 333 11.46 -1.78 -9.64
N CYS A 334 12.05 -2.30 -8.57
N CYS A 334 12.08 -2.25 -8.57
CA CYS A 334 13.18 -3.24 -8.66
CA CYS A 334 13.17 -3.23 -8.67
C CYS A 334 12.64 -4.66 -8.78
C CYS A 334 12.51 -4.60 -8.74
N THR A 335 12.02 -4.92 -9.93
CA THR A 335 11.21 -6.11 -10.13
C THR A 335 12.05 -7.38 -10.09
N THR A 336 11.54 -8.37 -9.37
CA THR A 336 12.05 -9.72 -9.32
C THR A 336 11.05 -10.61 -10.03
N VAL A 337 11.55 -11.64 -10.72
CA VAL A 337 10.66 -12.48 -11.49
C VAL A 337 10.07 -13.53 -10.57
N ASN A 338 8.89 -13.23 -10.04
CA ASN A 338 8.11 -14.16 -9.25
C ASN A 338 6.67 -13.67 -9.24
N LEU A 339 5.81 -14.53 -8.70
CA LEU A 339 4.38 -14.24 -8.71
C LEU A 339 4.02 -13.05 -7.83
N GLU A 340 4.65 -12.95 -6.66
CA GLU A 340 4.41 -11.81 -5.78
C GLU A 340 4.64 -10.50 -6.50
N ASP A 341 5.72 -10.40 -7.23
CA ASP A 341 5.99 -9.16 -7.92
C ASP A 341 5.14 -8.97 -9.17
N LEU A 342 4.62 -10.05 -9.75
CA LEU A 342 3.63 -9.87 -10.82
C LEU A 342 2.38 -9.17 -10.27
N VAL A 343 1.97 -9.52 -9.05
CA VAL A 343 0.84 -8.84 -8.41
C VAL A 343 1.19 -7.37 -8.15
N VAL A 344 2.41 -7.09 -7.68
CA VAL A 344 2.85 -5.70 -7.47
C VAL A 344 2.84 -4.94 -8.79
N ALA A 345 3.24 -5.60 -9.89
CA ALA A 345 3.23 -4.92 -11.18
C ALA A 345 1.82 -4.50 -11.55
N HIS A 346 0.84 -5.37 -11.31
CA HIS A 346 -0.54 -5.00 -11.59
C HIS A 346 -0.99 -3.84 -10.70
N HIS A 347 -0.63 -3.87 -9.42
CA HIS A 347 -0.94 -2.77 -8.49
C HIS A 347 -0.45 -1.44 -9.04
N GLU A 348 0.81 -1.42 -9.48
CA GLU A 348 1.41 -0.18 -9.97
C GLU A 348 0.79 0.25 -11.29
N MET A 349 0.46 -0.71 -12.18
CA MET A 349 -0.18 -0.38 -13.43
C MET A 349 -1.59 0.16 -13.20
N GLY A 350 -2.21 -0.17 -12.08
CA GLY A 350 -3.50 0.42 -11.73
C GLY A 350 -3.39 1.89 -11.44
N HIS A 351 -2.33 2.30 -10.74
CA HIS A 351 -2.06 3.72 -10.54
C HIS A 351 -1.88 4.43 -11.89
N ILE A 352 -1.10 3.84 -12.80
CA ILE A 352 -0.89 4.43 -14.11
C ILE A 352 -2.22 4.60 -14.83
N GLN A 353 -3.07 3.56 -14.78
CA GLN A 353 -4.38 3.64 -15.42
C GLN A 353 -5.17 4.82 -14.88
N TYR A 354 -5.19 4.98 -13.57
CA TYR A 354 -5.93 6.08 -12.97
C TYR A 354 -5.38 7.42 -13.47
N PHE A 355 -4.05 7.57 -13.50
CA PHE A 355 -3.41 8.80 -14.00
C PHE A 355 -3.92 9.13 -15.38
N MET A 356 -3.98 8.13 -16.26
CA MET A 356 -4.39 8.35 -17.64
C MET A 356 -5.87 8.67 -17.74
N GLN A 357 -6.68 8.06 -16.88
CA GLN A 357 -8.12 8.28 -16.94
C GLN A 357 -8.50 9.69 -16.51
N TYR A 358 -7.81 10.28 -15.52
CA TYR A 358 -8.21 11.59 -15.04
C TYR A 358 -7.30 12.71 -15.54
N LYS A 359 -6.49 12.42 -16.56
CA LYS A 359 -5.48 13.38 -17.00
C LYS A 359 -6.04 14.70 -17.47
N ASP A 360 -7.30 14.75 -17.89
CA ASP A 360 -7.86 16.00 -18.44
C ASP A 360 -8.65 16.81 -17.42
N LEU A 361 -8.70 16.39 -16.18
CA LEU A 361 -9.24 17.19 -15.09
C LEU A 361 -8.23 18.25 -14.64
N PRO A 362 -8.71 19.34 -14.06
CA PRO A 362 -7.83 20.27 -13.33
C PRO A 362 -6.97 19.52 -12.32
N VAL A 363 -5.72 19.95 -12.16
N VAL A 363 -5.72 19.96 -12.16
CA VAL A 363 -4.77 19.17 -11.38
CA VAL A 363 -4.75 19.21 -11.36
C VAL A 363 -5.23 18.98 -9.93
C VAL A 363 -5.27 18.96 -9.95
N ALA A 364 -5.97 19.94 -9.37
CA ALA A 364 -6.46 19.79 -8.00
C ALA A 364 -7.41 18.61 -7.87
N LEU A 365 -8.03 18.21 -8.97
CA LEU A 365 -8.98 17.11 -8.97
C LEU A 365 -8.37 15.80 -9.51
N ARG A 366 -7.06 15.79 -9.83
N ARG A 366 -7.07 15.79 -9.80
CA ARG A 366 -6.36 14.61 -10.31
CA ARG A 366 -6.39 14.60 -10.33
C ARG A 366 -5.84 13.76 -9.14
C ARG A 366 -5.84 13.75 -9.18
N GLU A 367 -6.80 13.12 -8.47
CA GLU A 367 -6.55 12.16 -7.42
C GLU A 367 -7.65 11.12 -7.55
N GLY A 368 -7.46 10.01 -6.82
CA GLY A 368 -8.53 9.03 -6.72
C GLY A 368 -9.73 9.59 -5.97
N ALA A 369 -10.87 8.91 -6.11
CA ALA A 369 -12.09 9.36 -5.44
C ALA A 369 -11.84 9.48 -3.93
N ASN A 370 -11.11 8.53 -3.37
CA ASN A 370 -10.38 8.69 -2.10
C ASN A 370 -9.08 7.90 -2.29
N PRO A 371 -8.13 8.00 -1.37
CA PRO A 371 -6.83 7.34 -1.61
C PRO A 371 -6.96 5.83 -1.74
N GLY A 372 -7.95 5.25 -1.06
CA GLY A 372 -8.18 3.82 -1.17
C GLY A 372 -8.53 3.40 -2.57
N PHE A 373 -9.33 4.21 -3.29
CA PHE A 373 -9.67 3.90 -4.67
C PHE A 373 -8.41 3.84 -5.55
N HIS A 374 -7.47 4.77 -5.37
CA HIS A 374 -6.25 4.73 -6.17
C HIS A 374 -5.48 3.43 -5.96
N GLU A 375 -5.48 2.94 -4.73
CA GLU A 375 -4.76 1.72 -4.38
C GLU A 375 -5.48 0.48 -4.88
N ALA A 376 -6.77 0.54 -5.13
CA ALA A 376 -7.56 -0.66 -5.38
C ALA A 376 -7.61 -1.11 -6.83
N ILE A 377 -7.44 -0.23 -7.81
CA ILE A 377 -7.71 -0.58 -9.21
C ILE A 377 -6.85 -1.77 -9.67
N GLY A 378 -5.54 -1.69 -9.48
CA GLY A 378 -4.70 -2.75 -9.99
C GLY A 378 -4.94 -4.05 -9.27
N ASP A 379 -5.19 -3.95 -7.97
CA ASP A 379 -5.45 -5.14 -7.17
C ASP A 379 -6.71 -5.87 -7.64
N VAL A 380 -7.73 -5.13 -8.11
CA VAL A 380 -8.93 -5.78 -8.64
C VAL A 380 -8.57 -6.68 -9.82
N LEU A 381 -7.80 -6.14 -10.77
CA LEU A 381 -7.41 -6.98 -11.90
C LEU A 381 -6.56 -8.15 -11.42
N ALA A 382 -5.68 -7.92 -10.47
CA ALA A 382 -4.81 -8.99 -9.98
C ALA A 382 -5.59 -10.11 -9.32
N LEU A 383 -6.77 -9.82 -8.76
CA LEU A 383 -7.63 -10.90 -8.23
C LEU A 383 -7.98 -11.88 -9.34
N SER A 384 -8.28 -11.39 -10.54
CA SER A 384 -8.57 -12.29 -11.65
C SER A 384 -7.30 -12.97 -12.15
N VAL A 385 -6.19 -12.22 -12.26
CA VAL A 385 -4.93 -12.82 -12.71
C VAL A 385 -4.54 -13.98 -11.81
N SER A 386 -4.78 -13.84 -10.50
CA SER A 386 -4.35 -14.81 -9.50
C SER A 386 -5.14 -16.12 -9.53
N THR A 387 -6.29 -16.18 -10.20
CA THR A 387 -7.07 -17.39 -10.22
C THR A 387 -6.28 -18.52 -10.85
N PRO A 388 -6.43 -19.73 -10.35
CA PRO A 388 -5.72 -20.85 -10.95
C PRO A 388 -6.00 -21.00 -12.44
N LYS A 389 -7.22 -20.73 -12.88
CA LYS A 389 -7.54 -20.77 -14.30
C LYS A 389 -6.67 -19.80 -15.09
N HIS A 390 -6.55 -18.57 -14.62
CA HIS A 390 -5.75 -17.61 -15.36
C HIS A 390 -4.27 -17.96 -15.32
N LEU A 391 -3.74 -18.34 -14.15
CA LEU A 391 -2.33 -18.70 -14.06
C LEU A 391 -1.98 -19.91 -14.91
N HIS A 392 -2.89 -20.88 -15.01
CA HIS A 392 -2.67 -22.00 -15.93
C HIS A 392 -2.66 -21.52 -17.38
N SER A 393 -3.45 -20.50 -17.74
CA SER A 393 -3.40 -19.98 -19.11
C SER A 393 -2.07 -19.29 -19.40
N LEU A 394 -1.38 -18.83 -18.37
CA LEU A 394 -0.05 -18.26 -18.49
C LEU A 394 1.04 -19.31 -18.38
N ASN A 395 0.64 -20.57 -18.24
CA ASN A 395 1.56 -21.70 -18.09
C ASN A 395 2.38 -21.58 -16.80
N LEU A 396 1.81 -21.02 -15.75
CA LEU A 396 2.50 -20.91 -14.47
C LEU A 396 1.94 -21.85 -13.41
N LEU A 397 0.82 -22.48 -13.68
CA LEU A 397 0.28 -23.55 -12.85
C LEU A 397 -0.17 -24.66 -13.78
N SER A 398 -0.25 -25.86 -13.23
CA SER A 398 -0.91 -26.94 -13.93
C SER A 398 -2.42 -26.74 -13.82
N SER A 399 -3.17 -27.58 -14.54
CA SER A 399 -4.62 -27.55 -14.41
C SER A 399 -5.01 -27.94 -12.98
N GLU A 400 -5.70 -27.05 -12.27
CA GLU A 400 -6.12 -27.29 -10.90
C GLU A 400 -7.64 -27.33 -10.73
N GLY A 401 -8.41 -27.15 -11.80
CA GLY A 401 -9.84 -27.10 -11.67
C GLY A 401 -10.44 -28.46 -11.38
N GLY A 402 -11.72 -28.42 -10.97
CA GLY A 402 -12.46 -29.64 -10.70
C GLY A 402 -11.97 -30.39 -9.49
N SER A 403 -11.36 -29.69 -8.53
CA SER A 403 -10.79 -30.34 -7.35
C SER A 403 -11.15 -29.49 -6.14
N ASP A 404 -11.87 -30.08 -5.19
CA ASP A 404 -12.17 -29.33 -3.97
C ASP A 404 -10.90 -29.04 -3.17
N GLU A 405 -9.94 -29.97 -3.17
CA GLU A 405 -8.69 -29.74 -2.43
C GLU A 405 -7.90 -28.56 -3.03
N HIS A 406 -7.80 -28.50 -4.36
CA HIS A 406 -7.13 -27.37 -4.99
C HIS A 406 -7.90 -26.08 -4.72
N ASP A 407 -9.23 -26.17 -4.62
CA ASP A 407 -10.04 -24.97 -4.35
C ASP A 407 -9.75 -24.38 -2.98
N ILE A 408 -9.74 -25.21 -1.94
CA ILE A 408 -9.42 -24.73 -0.58
C ILE A 408 -7.97 -24.27 -0.49
N ASN A 409 -7.06 -24.97 -1.21
CA ASN A 409 -5.67 -24.53 -1.24
C ASN A 409 -5.56 -23.12 -1.82
N PHE A 410 -6.25 -22.86 -2.94
CA PHE A 410 -6.19 -21.52 -3.54
C PHE A 410 -6.72 -20.46 -2.58
N LEU A 411 -7.87 -20.73 -1.98
CA LEU A 411 -8.43 -19.78 -1.04
C LEU A 411 -7.47 -19.51 0.12
N MET A 412 -6.75 -20.54 0.60
CA MET A 412 -5.76 -20.32 1.65
C MET A 412 -4.61 -19.44 1.17
N LYS A 413 -4.10 -19.71 -0.03
CA LYS A 413 -3.07 -18.86 -0.61
C LYS A 413 -3.52 -17.41 -0.66
N MET A 414 -4.77 -17.17 -1.09
CA MET A 414 -5.27 -15.81 -1.16
C MET A 414 -5.48 -15.20 0.21
N ALA A 415 -5.95 -15.99 1.16
CA ALA A 415 -6.19 -15.47 2.52
C ALA A 415 -4.88 -15.06 3.20
N LEU A 416 -3.82 -15.84 2.99
CA LEU A 416 -2.54 -15.52 3.60
C LEU A 416 -2.05 -14.15 3.20
N ASP A 417 -2.45 -13.64 2.04
CA ASP A 417 -2.14 -12.24 1.75
C ASP A 417 -3.27 -11.29 2.13
N LYS A 418 -4.48 -11.58 1.70
CA LYS A 418 -5.51 -10.58 1.80
C LYS A 418 -6.08 -10.45 3.20
N ILE A 419 -6.29 -11.56 3.92
CA ILE A 419 -6.86 -11.50 5.26
C ILE A 419 -5.79 -11.12 6.28
N ALA A 420 -4.58 -11.70 6.15
CA ALA A 420 -3.50 -11.35 7.08
C ALA A 420 -3.18 -9.86 7.07
N PHE A 421 -3.32 -9.21 5.90
CA PHE A 421 -2.99 -7.81 5.77
C PHE A 421 -3.98 -6.89 6.47
N ILE A 422 -5.20 -7.35 6.70
CA ILE A 422 -6.22 -6.45 7.26
C ILE A 422 -5.77 -5.88 8.60
N PRO A 423 -5.34 -6.66 9.58
CA PRO A 423 -4.96 -6.01 10.83
C PRO A 423 -3.72 -5.17 10.72
N PHE A 424 -2.74 -5.60 9.90
CA PHE A 424 -1.52 -4.79 9.72
C PHE A 424 -1.88 -3.42 9.16
N SER A 425 -2.70 -3.40 8.13
CA SER A 425 -3.01 -2.16 7.43
C SER A 425 -3.88 -1.25 8.28
N TYR A 426 -4.64 -1.81 9.22
CA TYR A 426 -5.39 -1.03 10.19
C TYR A 426 -4.48 -0.36 11.20
N LEU A 427 -3.48 -1.05 11.67
CA LEU A 427 -2.76 -0.54 12.84
C LEU A 427 -1.71 0.52 12.53
N VAL A 428 -1.16 0.56 11.31
CA VAL A 428 -0.05 1.48 11.02
C VAL A 428 -0.47 2.91 11.32
N ASP A 429 -1.62 3.35 10.79
CA ASP A 429 -2.05 4.72 11.06
C ASP A 429 -2.84 4.85 12.36
N GLN A 430 -3.31 3.76 12.98
CA GLN A 430 -3.72 3.90 14.38
C GLN A 430 -2.55 4.37 15.21
N TRP A 431 -1.35 3.83 14.94
CA TRP A 431 -0.15 4.32 15.62
C TRP A 431 0.19 5.76 15.22
N ARG A 432 0.26 6.03 13.92
N ARG A 432 0.29 6.06 13.92
CA ARG A 432 0.71 7.32 13.47
CA ARG A 432 0.73 7.40 13.55
C ARG A 432 -0.27 8.44 13.84
C ARG A 432 -0.29 8.46 13.94
N TRP A 433 -1.59 8.16 13.83
CA TRP A 433 -2.57 9.16 14.26
C TRP A 433 -2.36 9.55 15.73
N ARG A 434 -1.98 8.59 16.58
CA ARG A 434 -1.73 8.88 17.99
C ARG A 434 -0.37 9.51 18.23
N VAL A 435 0.61 9.25 17.36
CA VAL A 435 1.84 10.06 17.40
C VAL A 435 1.51 11.51 17.04
N PHE A 436 0.75 11.69 15.97
CA PHE A 436 0.49 13.06 15.51
C PHE A 436 -0.36 13.83 16.52
N ASP A 437 -1.32 13.17 17.19
CA ASP A 437 -2.15 13.89 18.14
C ASP A 437 -1.51 14.00 19.50
N GLY A 438 -0.30 13.47 19.68
CA GLY A 438 0.50 13.67 20.87
C GLY A 438 0.26 12.66 21.96
N SER A 439 -0.61 11.67 21.70
N SER A 439 -0.58 11.65 21.75
CA SER A 439 -0.91 10.61 22.65
CA SER A 439 -0.82 10.69 22.81
C SER A 439 0.29 9.71 22.87
C SER A 439 0.16 9.52 22.80
N ILE A 440 1.06 9.47 21.81
CA ILE A 440 2.27 8.63 21.84
C ILE A 440 3.42 9.60 21.66
N THR A 441 4.34 9.62 22.63
CA THR A 441 5.51 10.49 22.58
C THR A 441 6.72 9.66 22.20
N LYS A 442 7.87 10.33 22.01
CA LYS A 442 9.09 9.61 21.69
C LYS A 442 9.53 8.70 22.83
N GLU A 443 9.02 8.92 24.05
N GLU A 443 9.03 8.91 24.05
CA GLU A 443 9.32 8.00 25.12
CA GLU A 443 9.36 8.00 25.13
C GLU A 443 8.81 6.60 24.80
C GLU A 443 8.64 6.65 24.99
N ASN A 444 7.65 6.51 24.15
N ASN A 444 7.62 6.58 24.14
CA ASN A 444 6.99 5.22 24.02
CA ASN A 444 6.84 5.35 24.02
C ASN A 444 6.56 4.93 22.58
C ASN A 444 6.55 4.93 22.58
N TYR A 445 7.23 5.51 21.58
CA TYR A 445 6.98 5.10 20.19
C TYR A 445 6.93 3.59 20.04
N ASN A 446 7.99 2.93 20.49
CA ASN A 446 8.16 1.54 20.08
C ASN A 446 7.27 0.65 20.91
N GLN A 447 7.11 0.97 22.19
CA GLN A 447 6.22 0.18 23.03
C GLN A 447 4.80 0.23 22.52
N GLU A 448 4.35 1.42 22.12
CA GLU A 448 2.98 1.51 21.64
C GLU A 448 2.79 0.85 20.28
N TRP A 449 3.83 0.85 19.44
CA TRP A 449 3.77 0.07 18.21
C TRP A 449 3.54 -1.39 18.52
N TRP A 450 4.35 -1.94 19.42
CA TRP A 450 4.23 -3.37 19.73
C TRP A 450 2.92 -3.69 20.44
N SER A 451 2.38 -2.75 21.23
N SER A 451 2.38 -2.75 21.23
N SER A 451 2.39 -2.75 21.24
CA SER A 451 1.08 -2.97 21.83
CA SER A 451 1.08 -2.99 21.84
CA SER A 451 1.08 -2.96 21.84
C SER A 451 0.02 -3.18 20.75
C SER A 451 0.01 -3.15 20.78
C SER A 451 0.01 -3.15 20.78
N LEU A 452 0.13 -2.41 19.67
CA LEU A 452 -0.82 -2.55 18.56
C LEU A 452 -0.56 -3.81 17.73
N ARG A 453 0.71 -4.14 17.48
CA ARG A 453 1.03 -5.39 16.80
C ARG A 453 0.43 -6.57 17.54
N LEU A 454 0.47 -6.50 18.88
CA LEU A 454 -0.16 -7.54 19.69
C LEU A 454 -1.69 -7.47 19.55
N LYS A 455 -2.28 -6.30 19.82
CA LYS A 455 -3.73 -6.18 19.92
C LYS A 455 -4.41 -6.55 18.63
N TYR A 456 -3.88 -6.08 17.51
CA TYR A 456 -4.56 -6.26 16.23
C TYR A 456 -4.06 -7.49 15.46
N GLN A 457 -2.73 -7.70 15.36
CA GLN A 457 -2.22 -8.84 14.59
C GLN A 457 -1.96 -10.09 15.41
N GLY A 458 -1.85 -9.99 16.73
CA GLY A 458 -1.53 -11.18 17.50
C GLY A 458 -0.10 -11.63 17.29
N LEU A 459 0.80 -10.67 17.16
CA LEU A 459 2.22 -10.95 16.98
C LEU A 459 3.03 -10.44 18.17
N CYS A 460 4.19 -11.06 18.38
CA CYS A 460 5.14 -10.62 19.39
C CYS A 460 6.52 -10.54 18.75
N PRO A 461 7.39 -9.70 19.27
CA PRO A 461 8.73 -9.63 18.71
C PRO A 461 9.56 -10.83 19.15
N PRO A 462 10.38 -11.39 18.27
CA PRO A 462 11.15 -12.57 18.69
C PRO A 462 12.30 -12.24 19.63
N VAL A 463 12.75 -10.99 19.62
CA VAL A 463 13.79 -10.50 20.50
C VAL A 463 13.21 -9.32 21.26
N PRO A 464 13.29 -9.27 22.59
CA PRO A 464 12.74 -8.12 23.31
C PRO A 464 13.36 -6.82 22.84
N ARG A 465 12.52 -5.80 22.66
CA ARG A 465 13.00 -4.54 22.14
C ARG A 465 13.72 -3.76 23.24
N THR A 466 14.65 -2.93 22.83
CA THR A 466 15.45 -2.17 23.79
C THR A 466 15.29 -0.69 23.51
N GLN A 467 15.69 0.16 24.47
CA GLN A 467 15.52 1.57 24.21
C GLN A 467 16.50 1.96 23.11
N GLY A 468 16.07 2.83 22.23
CA GLY A 468 16.77 3.10 21.02
C GLY A 468 16.17 2.42 19.79
N ASP A 469 15.42 1.34 19.99
CA ASP A 469 14.74 0.71 18.86
C ASP A 469 13.65 1.64 18.35
N PHE A 470 13.45 1.62 17.03
CA PHE A 470 12.34 2.37 16.41
C PHE A 470 11.88 1.51 15.23
N ASP A 471 11.19 0.44 15.56
CA ASP A 471 10.82 -0.54 14.55
C ASP A 471 9.89 0.05 13.47
N PRO A 472 9.01 1.00 13.75
CA PRO A 472 8.25 1.60 12.65
C PRO A 472 9.13 2.18 11.57
N GLY A 473 10.31 2.68 11.93
CA GLY A 473 11.19 3.28 10.94
C GLY A 473 11.68 2.28 9.91
N ALA A 474 11.55 0.99 10.17
CA ALA A 474 11.97 -0.07 9.27
C ALA A 474 10.89 -0.43 8.26
N LYS A 475 9.79 0.31 8.25
CA LYS A 475 8.71 0.12 7.29
C LYS A 475 8.67 1.33 6.38
N PHE A 476 8.74 1.10 5.05
CA PHE A 476 8.96 2.18 4.06
C PHE A 476 8.10 3.42 4.33
N HIS A 477 6.80 3.23 4.55
CA HIS A 477 5.87 4.37 4.57
C HIS A 477 6.11 5.32 5.74
N ILE A 478 6.78 4.88 6.79
CA ILE A 478 7.02 5.72 7.96
C ILE A 478 8.08 6.76 7.59
N PRO A 479 9.31 6.39 7.23
CA PRO A 479 10.26 7.44 6.84
C PRO A 479 9.88 8.19 5.58
N SER A 480 9.12 7.57 4.67
CA SER A 480 8.70 8.26 3.44
C SER A 480 7.43 9.10 3.61
N SER A 481 6.82 9.07 4.80
CA SER A 481 5.63 9.89 5.10
C SER A 481 4.52 9.65 4.07
N VAL A 482 4.18 8.38 3.88
CA VAL A 482 3.11 7.96 2.99
C VAL A 482 2.00 7.41 3.88
N PRO A 483 0.80 8.00 3.87
CA PRO A 483 -0.29 7.45 4.68
C PRO A 483 -0.61 6.01 4.33
N TYR A 484 -1.09 5.27 5.33
CA TYR A 484 -1.31 3.84 5.20
C TYR A 484 -2.76 3.37 5.20
N ILE A 485 -3.70 4.11 5.77
CA ILE A 485 -5.05 3.58 5.89
C ILE A 485 -5.64 3.35 4.51
N ARG A 486 -5.14 4.04 3.47
CA ARG A 486 -5.53 3.74 2.10
C ARG A 486 -5.45 2.25 1.77
N TYR A 487 -4.47 1.53 2.33
CA TYR A 487 -4.33 0.12 1.98
C TYR A 487 -5.39 -0.73 2.66
N PHE A 488 -5.78 -0.35 3.87
CA PHE A 488 -6.90 -1.02 4.53
C PHE A 488 -8.16 -0.84 3.70
N VAL A 489 -8.45 0.40 3.35
CA VAL A 489 -9.64 0.71 2.55
C VAL A 489 -9.60 -0.07 1.25
N SER A 490 -8.45 -0.04 0.58
N SER A 490 -8.44 -0.12 0.60
CA SER A 490 -8.28 -0.76 -0.69
CA SER A 490 -8.35 -0.76 -0.71
C SER A 490 -8.63 -2.23 -0.56
C SER A 490 -8.57 -2.26 -0.62
N PHE A 491 -8.09 -2.91 0.46
CA PHE A 491 -8.29 -4.37 0.54
C PHE A 491 -9.76 -4.71 0.78
N ILE A 492 -10.53 -3.83 1.43
CA ILE A 492 -11.97 -4.03 1.57
C ILE A 492 -12.66 -3.78 0.24
N ILE A 493 -12.43 -2.61 -0.35
CA ILE A 493 -13.25 -2.23 -1.49
C ILE A 493 -12.84 -2.99 -2.75
N GLN A 494 -11.62 -3.53 -2.85
CA GLN A 494 -11.26 -4.27 -4.07
C GLN A 494 -12.13 -5.50 -4.24
N PHE A 495 -12.59 -6.09 -3.13
CA PHE A 495 -13.51 -7.21 -3.24
C PHE A 495 -14.91 -6.75 -3.62
N GLN A 496 -15.35 -5.59 -3.11
CA GLN A 496 -16.62 -5.02 -3.58
C GLN A 496 -16.58 -4.79 -5.08
N PHE A 497 -15.45 -4.24 -5.57
CA PHE A 497 -15.33 -3.97 -6.99
C PHE A 497 -15.29 -5.27 -7.79
N HIS A 498 -14.52 -6.25 -7.32
CA HIS A 498 -14.47 -7.56 -7.98
C HIS A 498 -15.86 -8.18 -8.08
N GLU A 499 -16.60 -8.19 -6.97
CA GLU A 499 -17.96 -8.73 -6.98
C GLU A 499 -18.84 -8.02 -8.01
N ALA A 500 -18.79 -6.69 -8.06
CA ALA A 500 -19.62 -5.96 -8.98
C ALA A 500 -19.19 -6.19 -10.43
N LEU A 501 -17.89 -6.22 -10.69
CA LEU A 501 -17.42 -6.40 -12.06
C LEU A 501 -17.72 -7.81 -12.55
N CYS A 502 -17.59 -8.80 -11.67
CA CYS A 502 -17.96 -10.17 -12.03
C CYS A 502 -19.45 -10.28 -12.39
N GLN A 503 -20.30 -9.62 -11.63
CA GLN A 503 -21.71 -9.61 -11.97
C GLN A 503 -21.95 -8.88 -13.29
N ALA A 504 -21.28 -7.75 -13.51
CA ALA A 504 -21.42 -7.06 -14.79
C ALA A 504 -20.98 -7.92 -15.96
N ALA A 505 -19.99 -8.77 -15.76
CA ALA A 505 -19.47 -9.68 -16.77
C ALA A 505 -20.30 -10.94 -16.91
N GLY A 506 -21.33 -11.12 -16.10
CA GLY A 506 -22.19 -12.28 -16.23
C GLY A 506 -21.69 -13.53 -15.52
N HIS A 507 -20.74 -13.40 -14.60
CA HIS A 507 -20.23 -14.57 -13.91
C HIS A 507 -21.28 -15.05 -12.93
N THR A 508 -21.43 -16.36 -12.87
CA THR A 508 -22.24 -17.00 -11.86
C THR A 508 -21.35 -18.00 -11.14
N GLY A 509 -21.77 -18.37 -9.95
CA GLY A 509 -20.99 -19.28 -9.15
C GLY A 509 -20.14 -18.52 -8.16
N PRO A 510 -19.25 -19.25 -7.49
CA PRO A 510 -18.54 -18.65 -6.37
C PRO A 510 -17.68 -17.49 -6.83
N LEU A 511 -17.67 -16.44 -6.03
CA LEU A 511 -16.96 -15.23 -6.41
C LEU A 511 -15.48 -15.53 -6.66
N HIS A 512 -14.90 -16.45 -5.92
CA HIS A 512 -13.46 -16.64 -6.06
C HIS A 512 -13.07 -17.37 -7.33
N LYS A 513 -14.04 -17.89 -8.10
CA LYS A 513 -13.78 -18.47 -9.42
C LYS A 513 -13.84 -17.44 -10.55
N CYS A 514 -14.22 -16.20 -10.25
CA CYS A 514 -14.41 -15.19 -11.28
C CYS A 514 -13.08 -14.72 -11.88
N ASP A 515 -13.06 -14.59 -13.21
CA ASP A 515 -11.94 -13.98 -13.93
C ASP A 515 -12.55 -13.03 -14.97
N ILE A 516 -12.29 -11.74 -14.81
CA ILE A 516 -12.94 -10.76 -15.68
C ILE A 516 -12.15 -10.45 -16.95
N TYR A 517 -11.10 -11.20 -17.24
CA TYR A 517 -10.31 -10.97 -18.44
C TYR A 517 -11.22 -10.77 -19.64
N GLN A 518 -10.96 -9.71 -20.40
CA GLN A 518 -11.62 -9.35 -21.65
C GLN A 518 -13.04 -8.81 -21.50
N SER A 519 -13.51 -8.57 -20.28
CA SER A 519 -14.85 -8.03 -20.09
C SER A 519 -14.90 -6.52 -20.35
N LYS A 520 -15.51 -6.14 -21.47
CA LYS A 520 -15.69 -4.72 -21.72
C LYS A 520 -16.71 -4.08 -20.78
N GLU A 521 -17.73 -4.83 -20.33
CA GLU A 521 -18.67 -4.28 -19.35
C GLU A 521 -17.97 -3.95 -18.03
N ALA A 522 -17.04 -4.81 -17.63
CA ALA A 522 -16.28 -4.54 -16.41
C ALA A 522 -15.42 -3.30 -16.60
N GLY A 523 -14.76 -3.21 -17.74
CA GLY A 523 -13.90 -2.06 -17.99
C GLY A 523 -14.67 -0.75 -18.00
N GLN A 524 -15.89 -0.76 -18.53
CA GLN A 524 -16.66 0.47 -18.60
C GLN A 524 -17.01 0.99 -17.22
N ARG A 525 -17.35 0.10 -16.28
CA ARG A 525 -17.62 0.52 -14.90
C ARG A 525 -16.42 1.23 -14.31
N LEU A 526 -15.25 0.62 -14.45
CA LEU A 526 -14.07 1.19 -13.84
C LEU A 526 -13.71 2.51 -14.49
N ALA A 527 -13.80 2.57 -15.81
CA ALA A 527 -13.42 3.78 -16.53
C ALA A 527 -14.28 4.97 -16.10
N THR A 528 -15.61 4.77 -16.02
N THR A 528 -15.59 4.76 -16.02
CA THR A 528 -16.48 5.90 -15.65
CA THR A 528 -16.49 5.86 -15.66
C THR A 528 -16.16 6.43 -14.26
C THR A 528 -16.17 6.41 -14.27
N ALA A 529 -15.88 5.53 -13.33
CA ALA A 529 -15.50 5.94 -11.98
C ALA A 529 -14.15 6.66 -11.97
N MET A 530 -13.14 6.10 -12.65
CA MET A 530 -11.81 6.72 -12.62
C MET A 530 -11.80 8.09 -13.25
N LYS A 531 -12.59 8.29 -14.33
CA LYS A 531 -12.67 9.59 -14.98
C LYS A 531 -13.16 10.70 -14.05
N LEU A 532 -13.84 10.38 -12.96
CA LEU A 532 -14.27 11.41 -12.02
C LEU A 532 -13.11 11.98 -11.24
N GLY A 533 -12.00 11.28 -11.15
CA GLY A 533 -10.93 11.77 -10.29
C GLY A 533 -11.45 12.04 -8.89
N PHE A 534 -11.11 13.21 -8.38
CA PHE A 534 -11.52 13.72 -7.08
C PHE A 534 -12.55 14.84 -7.23
N SER A 535 -13.28 14.81 -8.34
CA SER A 535 -14.26 15.88 -8.63
C SER A 535 -15.54 15.76 -7.82
N ARG A 536 -15.86 14.59 -7.29
CA ARG A 536 -17.10 14.31 -6.57
C ARG A 536 -16.83 13.54 -5.28
N PRO A 537 -17.76 13.59 -4.33
CA PRO A 537 -17.62 12.74 -3.13
C PRO A 537 -17.42 11.28 -3.54
N TRP A 538 -16.55 10.56 -2.82
CA TRP A 538 -16.25 9.21 -3.25
C TRP A 538 -17.45 8.26 -3.30
N PRO A 539 -18.54 8.46 -2.55
CA PRO A 539 -19.67 7.53 -2.72
C PRO A 539 -20.22 7.53 -4.15
N GLU A 540 -20.03 8.62 -4.91
CA GLU A 540 -20.48 8.60 -6.29
C GLU A 540 -19.70 7.59 -7.14
N ALA A 541 -18.38 7.56 -7.01
CA ALA A 541 -17.58 6.56 -7.70
C ALA A 541 -17.92 5.15 -7.22
N MET A 542 -18.17 4.99 -5.92
CA MET A 542 -18.57 3.69 -5.40
C MET A 542 -19.84 3.23 -6.09
N GLN A 543 -20.77 4.15 -6.26
CA GLN A 543 -22.05 3.87 -6.90
C GLN A 543 -21.87 3.49 -8.37
N LEU A 544 -21.01 4.20 -9.09
CA LEU A 544 -20.80 3.86 -10.51
C LEU A 544 -20.25 2.45 -10.68
N ILE A 545 -19.40 2.00 -9.75
CA ILE A 545 -18.81 0.67 -9.89
C ILE A 545 -19.77 -0.41 -9.41
N THR A 546 -20.40 -0.21 -8.24
CA THR A 546 -21.06 -1.28 -7.51
C THR A 546 -22.57 -1.19 -7.47
N GLY A 547 -23.14 -0.08 -7.86
CA GLY A 547 -24.56 0.09 -7.80
C GLY A 547 -25.09 0.52 -6.44
N GLN A 548 -24.21 0.84 -5.50
CA GLN A 548 -24.61 1.34 -4.20
C GLN A 548 -23.45 2.17 -3.66
N PRO A 549 -23.67 3.00 -2.63
CA PRO A 549 -22.67 4.01 -2.24
C PRO A 549 -21.77 3.72 -1.03
N GLN A 550 -21.93 2.60 -0.33
CA GLN A 550 -21.20 2.35 0.91
C GLN A 550 -19.97 1.44 0.70
N MET A 551 -19.02 1.60 1.62
CA MET A 551 -17.97 0.61 1.86
C MET A 551 -18.54 -0.53 2.70
N SER A 552 -18.21 -1.76 2.33
CA SER A 552 -18.80 -2.94 2.94
C SER A 552 -17.83 -4.09 2.86
N ALA A 553 -17.71 -4.82 3.94
CA ALA A 553 -16.90 -6.03 3.95
C ALA A 553 -17.64 -7.26 3.41
N SER A 554 -18.90 -7.13 3.03
CA SER A 554 -19.69 -8.30 2.65
CA SER A 554 -19.69 -8.30 2.65
C SER A 554 -19.05 -9.04 1.48
N ALA A 555 -18.51 -8.31 0.50
CA ALA A 555 -17.92 -8.97 -0.65
C ALA A 555 -16.71 -9.82 -0.28
N MET A 556 -15.82 -9.24 0.54
CA MET A 556 -14.64 -9.99 1.00
C MET A 556 -15.06 -11.22 1.79
N LEU A 557 -16.05 -11.08 2.68
CA LEU A 557 -16.55 -12.20 3.44
C LEU A 557 -17.13 -13.27 2.52
N SER A 558 -17.83 -12.86 1.45
N SER A 558 -17.83 -12.86 1.45
CA SER A 558 -18.40 -13.83 0.51
CA SER A 558 -18.42 -13.82 0.52
C SER A 558 -17.31 -14.59 -0.23
C SER A 558 -17.34 -14.58 -0.25
N TYR A 559 -16.30 -13.86 -0.69
CA TYR A 559 -15.20 -14.48 -1.39
C TYR A 559 -14.62 -15.61 -0.57
N PHE A 560 -14.41 -15.34 0.73
CA PHE A 560 -13.71 -16.28 1.61
C PHE A 560 -14.63 -17.20 2.40
N LYS A 561 -15.95 -17.15 2.19
CA LYS A 561 -16.87 -17.97 2.97
C LYS A 561 -16.49 -19.45 2.99
N PRO A 562 -16.15 -20.08 1.85
CA PRO A 562 -15.82 -21.51 1.92
C PRO A 562 -14.59 -21.77 2.77
N LEU A 563 -13.67 -20.82 2.82
CA LEU A 563 -12.48 -20.99 3.64
C LEU A 563 -12.78 -20.78 5.12
N LEU A 564 -13.66 -19.83 5.45
CA LEU A 564 -14.06 -19.68 6.85
C LEU A 564 -14.67 -20.98 7.35
N ASP A 565 -15.52 -21.61 6.54
CA ASP A 565 -16.15 -22.86 6.95
C ASP A 565 -15.09 -23.95 7.15
N TRP A 566 -14.14 -24.06 6.23
CA TRP A 566 -13.07 -25.06 6.35
C TRP A 566 -12.21 -24.80 7.59
N LEU A 567 -11.85 -23.54 7.80
CA LEU A 567 -11.00 -23.19 8.95
C LEU A 567 -11.70 -23.48 10.27
N ARG A 568 -13.00 -23.18 10.38
CA ARG A 568 -13.71 -23.45 11.62
C ARG A 568 -13.73 -24.94 11.92
N THR A 569 -13.98 -25.76 10.91
CA THR A 569 -13.99 -27.20 11.09
C THR A 569 -12.61 -27.71 11.49
N GLU A 570 -11.58 -27.23 10.80
CA GLU A 570 -10.22 -27.65 11.08
C GLU A 570 -9.77 -27.22 12.47
N ASN A 571 -10.04 -25.97 12.82
CA ASN A 571 -9.60 -25.48 14.13
C ASN A 571 -10.34 -26.15 15.25
N GLU A 572 -11.63 -26.41 15.05
N GLU A 572 -11.63 -26.44 15.05
CA GLU A 572 -12.42 -27.14 16.05
CA GLU A 572 -12.40 -27.14 16.09
C GLU A 572 -11.86 -28.54 16.28
C GLU A 572 -11.90 -28.56 16.28
N LEU A 573 -11.50 -29.22 15.19
CA LEU A 573 -10.97 -30.59 15.28
C LEU A 573 -9.73 -30.65 16.17
N HIS A 574 -8.89 -29.62 16.10
CA HIS A 574 -7.64 -29.58 16.81
C HIS A 574 -7.74 -28.91 18.16
N GLY A 575 -8.90 -28.36 18.50
CA GLY A 575 -9.07 -27.75 19.79
C GLY A 575 -8.42 -26.38 19.92
N GLU A 576 -8.37 -25.61 18.86
CA GLU A 576 -7.66 -24.34 18.94
C GLU A 576 -8.42 -23.36 19.80
N LYS A 577 -7.66 -22.58 20.55
CA LYS A 577 -8.19 -21.47 21.30
C LYS A 577 -7.93 -20.25 20.45
N LEU A 578 -8.98 -19.68 19.84
CA LEU A 578 -8.80 -18.52 18.98
C LEU A 578 -8.29 -17.33 19.81
N GLY A 579 -7.50 -16.49 19.16
CA GLY A 579 -6.93 -15.35 19.80
C GLY A 579 -5.70 -15.69 20.62
N TRP A 580 -5.34 -14.76 21.46
CA TRP A 580 -4.11 -14.88 22.22
C TRP A 580 -4.39 -14.41 23.62
N PRO A 581 -5.24 -15.15 24.34
CA PRO A 581 -5.52 -14.80 25.73
C PRO A 581 -4.25 -14.77 26.56
N GLN A 582 -3.29 -15.66 26.25
CA GLN A 582 -1.96 -15.55 26.85
C GLN A 582 -1.17 -14.45 26.13
N TYR A 583 -1.76 -13.25 26.14
CA TYR A 583 -1.25 -12.16 25.30
C TYR A 583 0.12 -11.67 25.75
N ASN A 584 0.54 -11.99 26.98
CA ASN A 584 1.83 -11.56 27.47
C ASN A 584 2.96 -12.54 27.09
N TRP A 585 2.65 -13.62 26.38
CA TRP A 585 3.69 -14.58 26.04
C TRP A 585 4.69 -13.95 25.07
N THR A 586 5.97 -14.23 25.28
CA THR A 586 7.03 -13.88 24.35
C THR A 586 8.02 -15.04 24.32
N PRO A 587 8.79 -15.18 23.24
CA PRO A 587 9.75 -16.29 23.13
C PRO A 587 10.71 -16.36 24.30
N ASN A 588 10.90 -17.58 24.82
CA ASN A 588 11.86 -17.78 25.91
C ASN A 588 13.29 -17.84 25.40
N SER A 589 13.51 -18.38 24.19
CA SER A 589 14.85 -18.44 23.59
C SER A 589 14.77 -18.18 22.07
#